data_3M7J
#
_entry.id   3M7J
#
_cell.length_a   148.973
_cell.length_b   153.201
_cell.length_c   33.914
_cell.angle_alpha   90.00
_cell.angle_beta   90.00
_cell.angle_gamma   90.00
#
_symmetry.space_group_name_H-M   'P 21 21 2'
#
loop_
_entity.id
_entity.type
_entity.pdbx_description
1 polymer 'Putidacin L1'
2 non-polymer 'methyl alpha-D-mannopyranoside'
3 water water
#
_entity_poly.entity_id   1
_entity_poly.type   'polypeptide(L)'
_entity_poly.pdbx_seq_one_letter_code
;MAGRTRIPFNGVGTSVLPAYQTLSAGQYLLSPNQRFKLLLQGDGNLVIQDNGATVWVANEQQPFSSTIPLRNKKAPLAFY
VQYGAFLDDYSRRRVWLTDNSTFTSNDQWNRTHLVLQDDGNIVLVDSLALWNGTPAIPLVPGAIDSLLLAPGSELVQGVV
YGAGASKLVFQGDGNLVAYGPNGAATWNAGTQGKGAVRAVFQGDGNLVVYGAGNAVLWHSHTGGHASAVLRLQANGSIAI
LDEKPVWARFGFQPTYRHIRKINPDQKPIDIWTWHF
;
_entity_poly.pdbx_strand_id   A,B
#
loop_
_chem_comp.id
_chem_comp.type
_chem_comp.name
_chem_comp.formula
MMA D-saccharide 'methyl alpha-D-mannopyranoside' 'C7 H14 O6'
#
# COMPACT_ATOMS: atom_id res chain seq x y z
N ARG A 4 20.30 -11.54 5.70
CA ARG A 4 20.36 -12.94 6.10
C ARG A 4 20.03 -13.88 4.94
N THR A 5 20.39 -15.16 5.12
CA THR A 5 20.27 -16.14 4.06
C THR A 5 19.31 -17.27 4.41
N ARG A 6 18.88 -18.02 3.39
CA ARG A 6 17.86 -19.04 3.57
C ARG A 6 18.42 -20.39 3.99
N ILE A 7 17.63 -21.14 4.74
CA ILE A 7 17.96 -22.50 5.13
C ILE A 7 16.86 -23.42 4.59
N PRO A 8 17.19 -24.71 4.40
CA PRO A 8 16.18 -25.65 3.87
C PRO A 8 14.99 -25.83 4.80
N PHE A 9 13.79 -25.88 4.23
CA PHE A 9 12.57 -26.13 4.99
C PHE A 9 12.61 -27.54 5.57
N ASN A 10 12.11 -27.69 6.78
CA ASN A 10 12.12 -28.99 7.45
C ASN A 10 10.82 -29.24 8.20
N GLY A 11 9.74 -28.63 7.76
CA GLY A 11 8.46 -28.75 8.45
C GLY A 11 7.38 -29.35 7.58
N VAL A 12 7.76 -30.28 6.72
CA VAL A 12 6.82 -30.93 5.81
C VAL A 12 5.62 -31.48 6.58
N GLY A 13 4.41 -31.10 6.15
CA GLY A 13 3.21 -31.59 6.78
C GLY A 13 2.65 -30.66 7.85
N THR A 14 3.41 -29.63 8.23
CA THR A 14 2.91 -28.64 9.14
C THR A 14 2.15 -27.57 8.36
N SER A 15 1.50 -26.65 9.07
CA SER A 15 0.66 -25.66 8.40
C SER A 15 1.38 -24.34 8.12
N VAL A 16 2.67 -24.26 8.46
CA VAL A 16 3.38 -22.99 8.37
C VAL A 16 4.77 -23.10 7.73
N LEU A 17 5.07 -22.15 6.85
CA LEU A 17 6.40 -22.03 6.24
C LEU A 17 7.05 -20.73 6.74
N PRO A 18 8.03 -20.86 7.64
CA PRO A 18 8.66 -19.69 8.24
C PRO A 18 9.45 -18.86 7.24
N ALA A 19 9.75 -17.63 7.61
CA ALA A 19 10.56 -16.74 6.79
C ALA A 19 11.92 -17.36 6.48
N TYR A 20 12.43 -17.10 5.28
CA TYR A 20 13.80 -17.47 4.91
C TYR A 20 14.09 -18.97 5.01
N GLN A 21 13.10 -19.79 4.66
CA GLN A 21 13.29 -21.23 4.57
C GLN A 21 12.88 -21.72 3.19
N THR A 22 13.74 -22.51 2.57
CA THR A 22 13.51 -22.94 1.19
C THR A 22 12.64 -24.19 1.11
N LEU A 23 11.48 -24.05 0.49
CA LEU A 23 10.59 -25.17 0.20
C LEU A 23 10.97 -25.75 -1.16
N SER A 24 11.27 -27.04 -1.20
CA SER A 24 11.73 -27.68 -2.42
C SER A 24 10.67 -28.59 -3.04
N ALA A 25 10.93 -29.05 -4.25
CA ALA A 25 10.00 -29.93 -4.96
C ALA A 25 9.69 -31.16 -4.11
N GLY A 26 8.41 -31.53 -4.07
CA GLY A 26 8.00 -32.70 -3.31
C GLY A 26 7.65 -32.37 -1.87
N GLN A 27 8.04 -31.18 -1.42
CA GLN A 27 7.71 -30.73 -0.07
C GLN A 27 6.33 -30.06 -0.06
N TYR A 28 5.67 -30.11 1.08
CA TYR A 28 4.29 -29.60 1.17
C TYR A 28 3.88 -29.16 2.58
N LEU A 29 2.86 -28.31 2.63
CA LEU A 29 2.20 -27.95 3.87
C LEU A 29 0.84 -28.64 3.95
N LEU A 30 0.35 -28.85 5.17
CA LEU A 30 -0.99 -29.38 5.41
C LEU A 30 -1.71 -28.43 6.35
N SER A 31 -2.96 -28.08 6.04
CA SER A 31 -3.76 -27.33 6.99
C SER A 31 -3.89 -28.16 8.27
N PRO A 32 -4.10 -27.50 9.41
CA PRO A 32 -4.16 -28.29 10.64
C PRO A 32 -5.21 -29.42 10.58
N ASN A 33 -6.27 -29.24 9.80
CA ASN A 33 -7.31 -30.26 9.72
C ASN A 33 -7.02 -31.31 8.64
N GLN A 34 -5.89 -31.15 7.95
CA GLN A 34 -5.42 -32.15 6.99
C GLN A 34 -6.16 -32.15 5.65
N ARG A 35 -7.17 -31.30 5.53
CA ARG A 35 -7.96 -31.26 4.30
C ARG A 35 -7.17 -30.68 3.12
N PHE A 36 -6.49 -29.57 3.36
CA PHE A 36 -5.76 -28.89 2.29
C PHE A 36 -4.27 -29.17 2.32
N LYS A 37 -3.67 -29.26 1.14
CA LYS A 37 -2.23 -29.44 1.00
C LYS A 37 -1.67 -28.41 0.04
N LEU A 38 -0.61 -27.73 0.45
CA LEU A 38 0.11 -26.82 -0.44
C LEU A 38 1.36 -27.55 -0.89
N LEU A 39 1.46 -27.79 -2.19
CA LEU A 39 2.50 -28.66 -2.71
C LEU A 39 3.27 -28.01 -3.85
N LEU A 40 4.60 -28.06 -3.77
CA LEU A 40 5.44 -27.69 -4.90
C LEU A 40 5.74 -28.94 -5.72
N GLN A 41 5.11 -29.02 -6.90
CA GLN A 41 5.30 -30.17 -7.79
C GLN A 41 6.63 -30.13 -8.51
N GLY A 42 7.11 -31.31 -8.90
CA GLY A 42 8.39 -31.43 -9.59
C GLY A 42 8.40 -30.71 -10.93
N ASP A 43 7.23 -30.42 -11.47
CA ASP A 43 7.15 -29.76 -12.78
C ASP A 43 7.15 -28.24 -12.66
N GLY A 44 7.36 -27.74 -11.45
CA GLY A 44 7.50 -26.31 -11.23
C GLY A 44 6.21 -25.60 -10.85
N ASN A 45 5.11 -26.34 -10.83
CA ASN A 45 3.83 -25.79 -10.39
C ASN A 45 3.66 -25.85 -8.87
N LEU A 46 3.31 -24.70 -8.29
CA LEU A 46 2.98 -24.62 -6.87
C LEU A 46 1.47 -24.72 -6.77
N VAL A 47 0.99 -25.73 -6.04
CA VAL A 47 -0.42 -26.12 -6.09
C VAL A 47 -1.08 -26.30 -4.72
N ILE A 48 -2.38 -26.02 -4.66
CA ILE A 48 -3.18 -26.34 -3.48
C ILE A 48 -4.16 -27.46 -3.81
N GLN A 49 -4.18 -28.48 -2.96
CA GLN A 49 -5.08 -29.61 -3.17
C GLN A 49 -6.12 -29.71 -2.07
N ASP A 50 -7.37 -29.93 -2.47
CA ASP A 50 -8.48 -30.11 -1.55
C ASP A 50 -8.87 -31.59 -1.53
N ASN A 51 -8.59 -32.25 -0.41
CA ASN A 51 -8.83 -33.68 -0.31
C ASN A 51 -8.22 -34.46 -1.48
N GLY A 52 -7.07 -34.01 -1.96
CA GLY A 52 -6.33 -34.73 -2.98
C GLY A 52 -6.57 -34.25 -4.41
N ALA A 53 -7.36 -33.18 -4.54
CA ALA A 53 -7.67 -32.64 -5.87
C ALA A 53 -7.25 -31.17 -6.00
N THR A 54 -6.43 -30.89 -7.01
CA THR A 54 -5.96 -29.53 -7.26
C THR A 54 -7.11 -28.56 -7.46
N VAL A 55 -7.12 -27.49 -6.68
CA VAL A 55 -8.16 -26.47 -6.78
C VAL A 55 -7.56 -25.08 -6.99
N TRP A 56 -6.23 -25.02 -7.05
CA TRP A 56 -5.53 -23.75 -7.20
C TRP A 56 -4.12 -23.98 -7.73
N VAL A 57 -3.69 -23.07 -8.60
CA VAL A 57 -2.35 -23.12 -9.16
C VAL A 57 -1.79 -21.71 -9.16
N ALA A 58 -0.55 -21.56 -8.70
CA ALA A 58 0.09 -20.25 -8.66
C ALA A 58 0.46 -19.80 -10.07
N ASN A 59 -0.25 -18.79 -10.58
CA ASN A 59 0.08 -18.23 -11.89
C ASN A 59 -0.32 -16.76 -12.04
N GLU A 60 -0.22 -16.27 -13.27
CA GLU A 60 -0.44 -14.87 -13.59
C GLU A 60 -1.87 -14.42 -13.31
N GLN A 61 -2.80 -15.37 -13.32
CA GLN A 61 -4.20 -15.05 -13.09
C GLN A 61 -4.51 -14.71 -11.63
N GLN A 62 -3.64 -15.12 -10.71
CA GLN A 62 -3.87 -14.84 -9.30
C GLN A 62 -3.84 -13.35 -9.03
N PRO A 63 -4.93 -12.81 -8.47
CA PRO A 63 -5.01 -11.39 -8.11
C PRO A 63 -3.91 -11.01 -7.11
N PHE A 64 -3.40 -9.79 -7.23
CA PHE A 64 -2.38 -9.27 -6.33
C PHE A 64 -1.14 -10.15 -6.27
N SER A 65 -0.71 -10.61 -7.44
CA SER A 65 0.56 -11.30 -7.57
C SER A 65 1.23 -10.82 -8.85
N SER A 66 2.55 -10.93 -8.93
CA SER A 66 3.29 -10.51 -10.11
C SER A 66 4.15 -11.64 -10.64
N THR A 67 4.37 -11.63 -11.95
CA THR A 67 5.31 -12.56 -12.55
C THR A 67 6.35 -11.79 -13.35
N ILE A 68 7.62 -11.99 -13.02
CA ILE A 68 8.72 -11.34 -13.72
C ILE A 68 9.68 -12.42 -14.23
N PRO A 69 10.53 -12.06 -15.19
CA PRO A 69 11.46 -13.04 -15.78
C PRO A 69 12.50 -13.52 -14.77
N LEU A 70 12.86 -14.78 -14.86
CA LEU A 70 13.99 -15.33 -14.12
C LEU A 70 15.11 -15.60 -15.11
N ARG A 71 16.14 -14.76 -15.10
CA ARG A 71 17.22 -14.86 -16.08
C ARG A 71 18.24 -15.94 -15.69
N ASN A 72 18.43 -16.10 -14.39
CA ASN A 72 19.42 -17.05 -13.86
C ASN A 72 19.00 -18.50 -14.03
N LYS A 73 19.60 -19.18 -15.00
CA LYS A 73 19.29 -20.57 -15.28
C LYS A 73 19.83 -21.51 -14.19
N LYS A 74 20.55 -20.94 -13.24
CA LYS A 74 21.15 -21.73 -12.15
C LYS A 74 20.25 -21.79 -10.91
N ALA A 75 19.19 -20.98 -10.91
CA ALA A 75 18.29 -20.92 -9.75
C ALA A 75 17.45 -22.18 -9.62
N PRO A 76 17.68 -22.94 -8.54
CA PRO A 76 16.93 -24.18 -8.28
C PRO A 76 15.44 -23.89 -8.14
N LEU A 77 14.61 -24.87 -8.48
CA LEU A 77 13.17 -24.76 -8.23
C LEU A 77 12.97 -24.63 -6.72
N ALA A 78 12.41 -23.50 -6.31
CA ALA A 78 12.28 -23.21 -4.89
C ALA A 78 11.13 -22.25 -4.59
N PHE A 79 10.58 -22.37 -3.40
CA PHE A 79 9.52 -21.47 -2.94
C PHE A 79 9.88 -21.03 -1.53
N TYR A 80 9.82 -19.72 -1.28
CA TYR A 80 10.24 -19.19 0.00
C TYR A 80 9.60 -17.84 0.31
N VAL A 81 9.67 -17.44 1.57
CA VAL A 81 9.08 -16.19 2.04
C VAL A 81 10.16 -15.24 2.54
N GLN A 82 10.12 -14.00 2.04
CA GLN A 82 11.00 -12.93 2.48
C GLN A 82 10.14 -11.66 2.45
N TYR A 83 9.36 -11.52 3.52
CA TYR A 83 8.17 -10.67 3.53
C TYR A 83 7.15 -11.16 2.51
N GLY A 84 7.42 -10.94 1.22
CA GLY A 84 6.59 -11.49 0.17
C GLY A 84 6.96 -12.94 -0.11
N ALA A 85 6.09 -13.67 -0.79
CA ALA A 85 6.40 -15.04 -1.21
C ALA A 85 6.94 -15.06 -2.64
N PHE A 86 7.90 -15.94 -2.88
CA PHE A 86 8.52 -16.06 -4.20
C PHE A 86 8.56 -17.50 -4.67
N LEU A 87 8.25 -17.71 -5.95
CA LEU A 87 8.43 -18.99 -6.58
C LEU A 87 9.43 -18.87 -7.73
N ASP A 88 10.62 -19.44 -7.55
CA ASP A 88 11.62 -19.47 -8.61
C ASP A 88 11.42 -20.68 -9.49
N ASP A 89 10.95 -20.47 -10.72
CA ASP A 89 10.69 -21.57 -11.63
C ASP A 89 11.38 -21.33 -12.96
N TYR A 90 12.63 -21.77 -13.06
CA TYR A 90 13.46 -21.51 -14.24
C TYR A 90 12.99 -22.29 -15.46
N SER A 91 12.18 -23.33 -15.24
CA SER A 91 11.65 -24.13 -16.33
C SER A 91 10.69 -23.30 -17.17
N ARG A 92 10.30 -22.14 -16.62
CA ARG A 92 9.42 -21.23 -17.32
C ARG A 92 9.98 -19.82 -17.26
N ARG A 93 11.25 -19.71 -16.93
CA ARG A 93 11.95 -18.43 -16.88
C ARG A 93 11.14 -17.40 -16.10
N ARG A 94 10.57 -17.81 -14.97
CA ARG A 94 9.66 -16.96 -14.22
C ARG A 94 9.93 -16.92 -12.73
N VAL A 95 9.65 -15.77 -12.14
CA VAL A 95 9.52 -15.66 -10.70
C VAL A 95 8.10 -15.18 -10.45
N TRP A 96 7.32 -16.00 -9.74
CA TRP A 96 5.98 -15.62 -9.33
C TRP A 96 6.05 -15.14 -7.88
N LEU A 97 5.50 -13.98 -7.62
CA LEU A 97 5.64 -13.36 -6.31
C LEU A 97 4.35 -12.68 -5.88
N THR A 98 4.18 -12.51 -4.58
CA THR A 98 2.99 -11.89 -4.03
C THR A 98 3.15 -10.38 -3.90
N ASP A 99 2.09 -9.64 -4.21
CA ASP A 99 2.06 -8.21 -3.97
C ASP A 99 1.46 -7.95 -2.59
N ASN A 100 2.30 -7.93 -1.56
CA ASN A 100 1.85 -7.71 -0.19
C ASN A 100 1.30 -6.30 0.01
N SER A 101 0.60 -6.09 1.12
CA SER A 101 0.24 -4.72 1.46
C SER A 101 1.49 -3.96 1.90
N THR A 102 1.40 -2.64 1.92
CA THR A 102 2.54 -1.80 2.22
C THR A 102 3.23 -2.24 3.50
N PHE A 103 4.55 -2.44 3.42
CA PHE A 103 5.34 -2.82 4.59
C PHE A 103 5.50 -1.64 5.54
N THR A 104 5.61 -1.93 6.83
CA THR A 104 5.72 -0.89 7.84
C THR A 104 7.10 -0.80 8.48
N SER A 105 7.84 -1.91 8.46
CA SER A 105 9.20 -1.91 8.98
C SER A 105 10.01 -3.07 8.45
N ASN A 106 11.33 -2.96 8.51
CA ASN A 106 12.23 -4.01 8.07
C ASN A 106 12.09 -5.27 8.92
N ASP A 107 11.71 -5.08 10.18
CA ASP A 107 11.47 -6.20 11.09
C ASP A 107 10.52 -7.24 10.51
N GLN A 108 9.54 -6.78 9.74
CA GLN A 108 8.53 -7.66 9.17
C GLN A 108 9.13 -8.80 8.35
N TRP A 109 10.30 -8.56 7.79
CA TRP A 109 10.95 -9.59 6.98
C TRP A 109 11.30 -10.82 7.82
N ASN A 110 11.58 -10.59 9.10
CA ASN A 110 11.99 -11.67 10.00
C ASN A 110 10.82 -12.47 10.58
N ARG A 111 9.66 -11.83 10.70
CA ARG A 111 8.54 -12.43 11.43
C ARG A 111 7.34 -12.79 10.55
N THR A 112 7.45 -12.55 9.25
CA THR A 112 6.36 -12.87 8.35
C THR A 112 6.52 -14.26 7.77
N HIS A 113 5.50 -15.10 7.99
CA HIS A 113 5.52 -16.47 7.53
C HIS A 113 4.23 -16.81 6.79
N LEU A 114 4.26 -17.92 6.07
CA LEU A 114 3.11 -18.34 5.30
C LEU A 114 2.35 -19.43 6.05
N VAL A 115 1.03 -19.29 6.13
CA VAL A 115 0.20 -20.32 6.74
C VAL A 115 -0.91 -20.81 5.80
N LEU A 116 -1.10 -22.13 5.82
CA LEU A 116 -2.19 -22.77 5.10
C LEU A 116 -3.33 -23.01 6.08
N GLN A 117 -4.37 -22.19 5.99
CA GLN A 117 -5.48 -22.23 6.92
C GLN A 117 -6.46 -23.36 6.66
N ASP A 118 -7.24 -23.71 7.68
CA ASP A 118 -8.23 -24.78 7.58
C ASP A 118 -9.30 -24.49 6.54
N ASP A 119 -9.38 -23.24 6.06
CA ASP A 119 -10.34 -22.88 5.03
C ASP A 119 -9.72 -22.89 3.63
N GLY A 120 -8.49 -23.38 3.53
CA GLY A 120 -7.85 -23.54 2.24
C GLY A 120 -7.16 -22.29 1.71
N ASN A 121 -7.27 -21.19 2.43
CA ASN A 121 -6.58 -19.96 2.06
C ASN A 121 -5.12 -20.04 2.50
N ILE A 122 -4.22 -19.49 1.69
CA ILE A 122 -2.85 -19.29 2.13
C ILE A 122 -2.67 -17.82 2.48
N VAL A 123 -2.05 -17.55 3.62
CA VAL A 123 -2.03 -16.22 4.16
C VAL A 123 -0.64 -15.88 4.66
N LEU A 124 -0.10 -14.77 4.20
CA LEU A 124 1.15 -14.25 4.75
C LEU A 124 0.83 -13.46 6.02
N VAL A 125 1.42 -13.91 7.13
CA VAL A 125 1.11 -13.32 8.42
C VAL A 125 2.35 -12.76 9.09
N ASP A 126 2.30 -11.47 9.40
CA ASP A 126 3.31 -10.82 10.21
C ASP A 126 3.02 -11.24 11.66
N SER A 127 3.84 -12.14 12.19
CA SER A 127 3.53 -12.81 13.45
C SER A 127 4.58 -12.63 14.55
N LEU A 128 4.14 -12.11 15.69
CA LEU A 128 5.01 -11.90 16.84
C LEU A 128 4.48 -12.64 18.06
N ALA A 129 5.24 -13.61 18.56
CA ALA A 129 4.88 -14.28 19.81
C ALA A 129 5.37 -13.42 20.97
N LEU A 130 4.44 -12.69 21.59
CA LEU A 130 4.78 -11.87 22.75
C LEU A 130 5.13 -12.76 23.94
N TRP A 131 4.38 -13.84 24.10
CA TRP A 131 4.61 -14.77 25.21
C TRP A 131 4.28 -16.20 24.79
N ASN A 132 5.17 -17.13 25.12
CA ASN A 132 4.99 -18.52 24.76
C ASN A 132 5.17 -19.39 26.00
N GLY A 133 4.07 -19.85 26.57
CA GLY A 133 4.11 -20.58 27.82
C GLY A 133 4.62 -21.99 27.63
N THR A 134 4.63 -22.45 26.38
CA THR A 134 4.94 -23.85 26.08
C THR A 134 5.88 -23.91 24.88
N PRO A 135 7.13 -23.46 25.08
CA PRO A 135 8.09 -23.31 23.97
C PRO A 135 8.36 -24.63 23.26
N ALA A 136 8.22 -25.75 23.97
CA ALA A 136 8.53 -27.05 23.39
C ALA A 136 7.39 -27.57 22.51
N ILE A 137 6.23 -26.91 22.58
CA ILE A 137 5.09 -27.32 21.76
C ILE A 137 4.96 -26.36 20.57
N PRO A 138 4.87 -26.93 19.36
CA PRO A 138 4.86 -26.13 18.14
C PRO A 138 3.67 -25.19 18.07
N LEU A 139 3.89 -23.96 17.63
CA LEU A 139 2.79 -23.05 17.32
C LEU A 139 2.15 -23.55 16.03
N VAL A 140 0.82 -23.63 16.02
CA VAL A 140 0.10 -24.13 14.86
C VAL A 140 -1.04 -23.18 14.49
N PRO A 141 -0.76 -22.23 13.57
CA PRO A 141 -1.74 -21.22 13.15
C PRO A 141 -2.74 -21.78 12.16
N GLY A 142 -3.91 -21.15 12.05
CA GLY A 142 -4.86 -21.49 11.01
C GLY A 142 -5.78 -22.67 11.32
N ALA A 143 -5.91 -23.02 12.59
CA ALA A 143 -6.72 -24.16 12.99
C ALA A 143 -8.06 -23.73 13.54
N ILE A 144 -9.14 -24.19 12.93
CA ILE A 144 -10.47 -23.90 13.44
C ILE A 144 -10.61 -24.46 14.85
N ASP A 145 -9.72 -25.40 15.20
CA ASP A 145 -9.68 -26.06 16.50
C ASP A 145 -9.32 -25.15 17.66
N SER A 146 -8.39 -24.23 17.40
CA SER A 146 -7.81 -23.44 18.47
C SER A 146 -8.84 -22.58 19.18
N LEU A 147 -8.58 -22.32 20.45
CA LEU A 147 -9.35 -21.38 21.24
C LEU A 147 -8.65 -20.03 21.24
N LEU A 148 -9.37 -19.00 20.82
CA LEU A 148 -8.86 -17.63 20.89
C LEU A 148 -9.66 -16.81 21.89
N LEU A 149 -8.96 -16.08 22.74
CA LEU A 149 -9.59 -15.12 23.62
C LEU A 149 -9.14 -13.73 23.25
N ALA A 150 -10.10 -12.84 23.00
CA ALA A 150 -9.82 -11.44 22.72
C ALA A 150 -9.47 -10.70 24.00
N PRO A 151 -8.72 -9.60 23.89
CA PRO A 151 -8.40 -8.79 25.06
C PRO A 151 -9.68 -8.35 25.76
N GLY A 152 -9.69 -8.40 27.09
CA GLY A 152 -10.87 -8.05 27.86
C GLY A 152 -11.74 -9.24 28.23
N SER A 153 -11.14 -10.43 28.23
CA SER A 153 -11.87 -11.66 28.51
C SER A 153 -11.57 -12.18 29.91
N GLU A 154 -12.60 -12.28 30.73
CA GLU A 154 -12.48 -12.89 32.04
C GLU A 154 -12.43 -14.41 31.92
N LEU A 155 -11.46 -15.03 32.58
CA LEU A 155 -11.47 -16.47 32.73
C LEU A 155 -12.21 -16.76 34.03
N VAL A 156 -13.50 -17.04 33.94
CA VAL A 156 -14.29 -17.28 35.13
C VAL A 156 -13.91 -18.59 35.81
N GLN A 157 -13.67 -18.52 37.12
CA GLN A 157 -13.18 -19.66 37.87
C GLN A 157 -14.07 -20.91 37.73
N GLY A 158 -13.44 -22.03 37.39
CA GLY A 158 -14.14 -23.29 37.30
C GLY A 158 -14.61 -23.64 35.90
N VAL A 159 -14.65 -22.65 35.01
CA VAL A 159 -15.10 -22.90 33.65
C VAL A 159 -13.98 -23.53 32.82
N VAL A 160 -14.32 -24.59 32.09
CA VAL A 160 -13.34 -25.29 31.28
C VAL A 160 -13.39 -24.80 29.84
N TYR A 161 -12.38 -24.03 29.44
CA TYR A 161 -12.30 -23.55 28.07
C TYR A 161 -11.54 -24.54 27.22
N GLY A 162 -12.20 -25.07 26.19
CA GLY A 162 -11.64 -26.16 25.41
C GLY A 162 -11.07 -25.78 24.05
N ALA A 163 -10.11 -26.57 23.61
CA ALA A 163 -9.58 -26.50 22.25
C ALA A 163 -9.29 -27.93 21.85
N GLY A 164 -10.22 -28.56 21.14
CA GLY A 164 -10.14 -29.99 20.92
C GLY A 164 -10.11 -30.69 22.27
N ALA A 165 -9.10 -31.53 22.50
CA ALA A 165 -8.99 -32.29 23.74
C ALA A 165 -8.24 -31.52 24.81
N SER A 166 -7.65 -30.39 24.43
CA SER A 166 -6.93 -29.55 25.39
C SER A 166 -7.86 -28.59 26.11
N LYS A 167 -7.38 -28.01 27.21
CA LYS A 167 -8.23 -27.11 27.98
C LYS A 167 -7.43 -26.10 28.81
N LEU A 168 -8.04 -24.94 29.04
CA LEU A 168 -7.49 -23.90 29.90
C LEU A 168 -8.48 -23.67 31.04
N VAL A 169 -7.99 -23.67 32.28
CA VAL A 169 -8.85 -23.61 33.44
C VAL A 169 -8.28 -22.76 34.57
N PHE A 170 -9.02 -21.74 34.99
CA PHE A 170 -8.75 -21.07 36.26
C PHE A 170 -9.45 -21.90 37.34
N GLN A 171 -8.68 -22.72 38.05
CA GLN A 171 -9.24 -23.79 38.88
C GLN A 171 -9.69 -23.34 40.25
N GLY A 172 -10.43 -24.22 40.93
CA GLY A 172 -10.86 -23.99 42.30
C GLY A 172 -9.70 -23.73 43.26
N ASP A 173 -8.56 -24.36 43.03
CA ASP A 173 -7.40 -24.15 43.90
C ASP A 173 -6.67 -22.85 43.58
N GLY A 174 -7.14 -22.14 42.56
CA GLY A 174 -6.56 -20.85 42.22
C GLY A 174 -5.47 -20.92 41.18
N ASN A 175 -5.10 -22.13 40.77
CA ASN A 175 -4.11 -22.27 39.71
C ASN A 175 -4.72 -22.03 38.33
N LEU A 176 -3.95 -21.37 37.47
CA LEU A 176 -4.34 -21.22 36.08
C LEU A 176 -3.54 -22.24 35.28
N VAL A 177 -4.23 -23.19 34.67
CA VAL A 177 -3.56 -24.34 34.06
C VAL A 177 -4.04 -24.64 32.65
N ALA A 178 -3.10 -24.91 31.76
CA ALA A 178 -3.44 -25.45 30.44
C ALA A 178 -3.13 -26.94 30.43
N TYR A 179 -4.09 -27.74 29.99
CA TYR A 179 -3.90 -29.18 29.89
C TYR A 179 -3.77 -29.60 28.43
N GLY A 180 -2.86 -30.53 28.17
CA GLY A 180 -2.67 -31.05 26.83
C GLY A 180 -3.64 -32.18 26.53
N PRO A 181 -3.58 -32.72 25.30
CA PRO A 181 -4.53 -33.74 24.81
C PRO A 181 -4.46 -35.02 25.62
N ASN A 182 -3.31 -35.30 26.22
CA ASN A 182 -3.13 -36.51 27.02
C ASN A 182 -3.56 -36.32 28.46
N GLY A 183 -4.12 -35.15 28.76
CA GLY A 183 -4.64 -34.88 30.09
C GLY A 183 -3.64 -34.29 31.06
N ALA A 184 -2.37 -34.27 30.67
CA ALA A 184 -1.32 -33.71 31.53
C ALA A 184 -1.17 -32.20 31.30
N ALA A 185 -0.77 -31.49 32.34
CA ALA A 185 -0.62 -30.05 32.28
C ALA A 185 0.60 -29.68 31.44
N THR A 186 0.40 -28.80 30.47
CA THR A 186 1.50 -28.33 29.64
C THR A 186 2.07 -27.02 30.17
N TRP A 187 1.29 -26.32 30.98
CA TRP A 187 1.72 -25.06 31.58
C TRP A 187 0.80 -24.69 32.74
N ASN A 188 1.36 -24.07 33.76
CA ASN A 188 0.54 -23.45 34.80
C ASN A 188 1.19 -22.20 35.36
N ALA A 189 0.38 -21.31 35.92
CA ALA A 189 0.88 -20.06 36.48
C ALA A 189 1.53 -20.29 37.84
N GLY A 190 1.24 -21.43 38.46
CA GLY A 190 1.78 -21.75 39.77
C GLY A 190 1.18 -20.88 40.87
N THR A 191 -0.12 -20.61 40.76
CA THR A 191 -0.77 -19.72 41.71
C THR A 191 -1.71 -20.46 42.66
N GLN A 192 -1.62 -21.78 42.70
CA GLN A 192 -2.47 -22.56 43.61
C GLN A 192 -2.14 -22.22 45.06
N GLY A 193 -3.18 -22.02 45.86
CA GLY A 193 -3.04 -21.78 47.29
C GLY A 193 -2.37 -20.47 47.64
N LYS A 194 -2.48 -19.49 46.75
CA LYS A 194 -1.92 -18.15 47.02
C LYS A 194 -3.03 -17.11 47.14
N GLY A 195 -4.27 -17.57 47.16
CA GLY A 195 -5.41 -16.69 47.35
C GLY A 195 -5.91 -16.00 46.09
N ALA A 196 -5.76 -16.65 44.94
CA ALA A 196 -6.19 -16.06 43.67
C ALA A 196 -7.71 -15.88 43.63
N VAL A 197 -8.15 -14.71 43.18
CA VAL A 197 -9.59 -14.43 43.10
C VAL A 197 -10.07 -14.21 41.66
N ARG A 198 -9.18 -13.73 40.80
CA ARG A 198 -9.57 -13.27 39.48
C ARG A 198 -8.47 -13.55 38.46
N ALA A 199 -8.85 -14.08 37.30
CA ALA A 199 -7.92 -14.31 36.21
C ALA A 199 -8.45 -13.72 34.91
N VAL A 200 -7.69 -12.82 34.31
CA VAL A 200 -8.20 -12.08 33.16
C VAL A 200 -7.13 -11.79 32.10
N PHE A 201 -7.48 -12.04 30.85
CA PHE A 201 -6.70 -11.56 29.72
C PHE A 201 -7.18 -10.13 29.48
N GLN A 202 -6.41 -9.17 29.97
CA GLN A 202 -6.83 -7.78 30.01
C GLN A 202 -6.89 -7.09 28.65
N GLY A 203 -7.59 -5.96 28.61
CA GLY A 203 -7.69 -5.16 27.40
C GLY A 203 -6.34 -4.74 26.84
N ASP A 204 -5.37 -4.52 27.73
CA ASP A 204 -4.03 -4.09 27.33
C ASP A 204 -3.16 -5.26 26.85
N GLY A 205 -3.76 -6.44 26.74
CA GLY A 205 -3.06 -7.59 26.20
C GLY A 205 -2.27 -8.36 27.24
N ASN A 206 -2.41 -7.99 28.51
CA ASN A 206 -1.72 -8.68 29.57
C ASN A 206 -2.58 -9.76 30.24
N LEU A 207 -2.03 -10.95 30.42
CA LEU A 207 -2.73 -12.02 31.12
C LEU A 207 -2.35 -11.99 32.59
N VAL A 208 -3.33 -11.74 33.45
CA VAL A 208 -3.03 -11.53 34.88
C VAL A 208 -3.88 -12.39 35.82
N VAL A 209 -3.22 -12.96 36.83
CA VAL A 209 -3.91 -13.61 37.92
C VAL A 209 -3.82 -12.72 39.15
N TYR A 210 -4.97 -12.32 39.68
CA TYR A 210 -5.02 -11.40 40.82
C TYR A 210 -5.38 -12.12 42.11
N GLY A 211 -4.78 -11.69 43.21
CA GLY A 211 -5.12 -12.18 44.52
C GLY A 211 -6.04 -11.21 45.23
N ALA A 212 -6.06 -11.25 46.56
CA ALA A 212 -6.89 -10.34 47.34
C ALA A 212 -6.27 -8.95 47.36
N GLY A 213 -7.10 -7.93 47.17
CA GLY A 213 -6.63 -6.56 47.13
C GLY A 213 -5.95 -6.25 45.81
N ASN A 214 -6.40 -6.90 44.76
CA ASN A 214 -5.82 -6.74 43.43
C ASN A 214 -4.31 -6.94 43.40
N ALA A 215 -3.81 -7.72 44.36
CA ALA A 215 -2.39 -8.08 44.37
C ALA A 215 -2.10 -8.93 43.13
N VAL A 216 -0.98 -8.64 42.47
CA VAL A 216 -0.61 -9.38 41.28
C VAL A 216 0.15 -10.66 41.65
N LEU A 217 -0.46 -11.80 41.35
CA LEU A 217 0.13 -13.10 41.68
C LEU A 217 1.01 -13.61 40.54
N TRP A 218 0.58 -13.31 39.32
CA TRP A 218 1.32 -13.72 38.13
C TRP A 218 0.82 -12.92 36.95
N HIS A 219 1.70 -12.66 35.99
CA HIS A 219 1.28 -12.07 34.72
C HIS A 219 2.26 -12.36 33.61
N SER A 220 1.80 -12.24 32.37
CA SER A 220 2.57 -12.65 31.22
C SER A 220 3.53 -11.57 30.71
N HIS A 221 3.57 -10.43 31.39
CA HIS A 221 4.46 -9.34 31.01
C HIS A 221 4.25 -8.94 29.56
N THR A 222 3.01 -8.97 29.09
CA THR A 222 2.72 -8.60 27.71
C THR A 222 1.80 -7.39 27.64
N GLY A 223 1.74 -6.62 28.72
CA GLY A 223 0.95 -5.40 28.74
C GLY A 223 1.35 -4.47 27.61
N GLY A 224 0.40 -3.65 27.17
CA GLY A 224 0.65 -2.66 26.13
C GLY A 224 0.51 -3.18 24.71
N HIS A 225 -0.30 -4.21 24.53
CA HIS A 225 -0.55 -4.77 23.20
C HIS A 225 -2.04 -5.09 23.05
N ALA A 226 -2.84 -4.06 22.77
CA ALA A 226 -4.29 -4.23 22.71
C ALA A 226 -4.75 -5.04 21.50
N SER A 227 -3.84 -5.36 20.60
CA SER A 227 -4.18 -6.12 19.39
C SER A 227 -3.83 -7.60 19.51
N ALA A 228 -3.20 -7.97 20.62
CA ALA A 228 -2.79 -9.36 20.84
C ALA A 228 -3.99 -10.26 21.06
N VAL A 229 -3.81 -11.56 20.85
CA VAL A 229 -4.79 -12.56 21.25
C VAL A 229 -4.14 -13.65 22.10
N LEU A 230 -4.95 -14.28 22.94
CA LEU A 230 -4.50 -15.46 23.69
C LEU A 230 -4.99 -16.69 22.95
N ARG A 231 -4.07 -17.58 22.61
CA ARG A 231 -4.46 -18.78 21.88
C ARG A 231 -4.09 -20.05 22.63
N LEU A 232 -5.08 -20.92 22.80
CA LEU A 232 -4.85 -22.28 23.25
C LEU A 232 -5.05 -23.21 22.08
N GLN A 233 -4.04 -24.01 21.78
CA GLN A 233 -4.12 -24.94 20.65
C GLN A 233 -4.56 -26.32 21.09
N ALA A 234 -5.08 -27.09 20.14
CA ALA A 234 -5.54 -28.44 20.42
C ALA A 234 -4.38 -29.32 20.89
N ASN A 235 -3.15 -28.92 20.54
CA ASN A 235 -1.98 -29.71 20.95
C ASN A 235 -1.44 -29.35 22.32
N GLY A 236 -2.10 -28.41 23.00
CA GLY A 236 -1.71 -28.04 24.35
C GLY A 236 -0.88 -26.79 24.45
N SER A 237 -0.57 -26.19 23.30
CA SER A 237 0.20 -24.95 23.27
C SER A 237 -0.64 -23.79 23.80
N ILE A 238 -0.01 -22.91 24.57
CA ILE A 238 -0.66 -21.69 24.98
C ILE A 238 0.29 -20.51 24.77
N ALA A 239 -0.18 -19.47 24.10
CA ALA A 239 0.65 -18.33 23.79
C ALA A 239 -0.17 -17.06 23.58
N ILE A 240 0.50 -15.91 23.68
CA ILE A 240 -0.11 -14.63 23.36
C ILE A 240 0.61 -14.05 22.15
N LEU A 241 -0.14 -13.76 21.09
CA LEU A 241 0.48 -13.36 19.84
C LEU A 241 -0.09 -12.06 19.30
N ASP A 242 0.78 -11.28 18.69
CA ASP A 242 0.38 -10.06 17.98
C ASP A 242 0.56 -10.35 16.49
N GLU A 243 -0.56 -10.42 15.76
CA GLU A 243 -0.50 -10.85 14.36
C GLU A 243 -1.35 -10.01 13.43
N LYS A 244 -0.92 -9.89 12.18
CA LYS A 244 -1.71 -9.26 11.13
C LYS A 244 -1.32 -9.82 9.76
N PRO A 245 -2.32 -10.09 8.91
CA PRO A 245 -2.08 -10.65 7.58
C PRO A 245 -1.61 -9.57 6.62
N VAL A 246 -0.76 -9.93 5.66
CA VAL A 246 -0.29 -8.95 4.68
C VAL A 246 -0.50 -9.47 3.25
N TRP A 247 -1.15 -10.62 3.12
CA TRP A 247 -1.48 -11.19 1.83
C TRP A 247 -2.24 -12.52 1.95
N ALA A 248 -3.09 -12.81 0.97
CA ALA A 248 -3.83 -14.07 0.91
C ALA A 248 -4.31 -14.31 -0.52
N ARG A 249 -4.55 -15.58 -0.86
CA ARG A 249 -4.96 -15.96 -2.22
C ARG A 249 -6.40 -15.53 -2.53
N PHE A 250 -7.24 -15.51 -1.51
CA PHE A 250 -8.59 -14.99 -1.68
C PHE A 250 -9.02 -14.14 -0.49
N GLY A 251 -10.06 -13.35 -0.68
CA GLY A 251 -10.56 -12.49 0.36
C GLY A 251 -9.73 -11.23 0.52
N PHE A 252 -8.40 -11.40 0.48
CA PHE A 252 -7.47 -10.30 0.71
C PHE A 252 -7.58 -9.20 -0.35
N GLN A 253 -7.60 -7.96 0.13
CA GLN A 253 -7.37 -6.80 -0.71
C GLN A 253 -6.50 -5.82 0.05
N PRO A 254 -5.57 -5.15 -0.65
CA PRO A 254 -4.54 -4.31 -0.04
C PRO A 254 -5.13 -3.22 0.85
N THR A 255 -6.31 -2.74 0.49
CA THR A 255 -6.94 -1.64 1.19
C THR A 255 -8.02 -2.07 2.19
N TYR A 256 -8.40 -3.35 2.13
CA TYR A 256 -9.41 -3.89 3.04
C TYR A 256 -8.88 -3.96 4.48
N ARG A 257 -9.78 -3.86 5.44
CA ARG A 257 -9.42 -4.03 6.85
C ARG A 257 -9.40 -5.51 7.18
N HIS A 258 -8.35 -5.97 7.84
CA HIS A 258 -8.26 -7.38 8.20
C HIS A 258 -8.99 -7.65 9.53
N ILE A 259 -9.57 -8.84 9.63
CA ILE A 259 -10.30 -9.23 10.83
C ILE A 259 -10.46 -10.76 10.87
N ARG A 260 -10.57 -11.31 12.07
CA ARG A 260 -10.74 -12.75 12.23
C ARG A 260 -12.19 -13.18 12.09
N LYS A 261 -12.42 -14.33 11.47
CA LYS A 261 -13.76 -14.89 11.38
C LYS A 261 -14.29 -15.13 12.78
N ILE A 262 -15.61 -15.08 12.94
CA ILE A 262 -16.22 -15.34 14.25
C ILE A 262 -17.18 -16.52 14.21
N ASN A 263 -17.22 -17.26 15.32
CA ASN A 263 -18.22 -18.29 15.54
C ASN A 263 -19.60 -17.66 15.58
N PRO A 264 -20.65 -18.49 15.49
CA PRO A 264 -22.00 -17.93 15.63
C PRO A 264 -22.16 -17.40 17.05
N ASP A 265 -21.28 -17.87 17.94
CA ASP A 265 -21.32 -17.49 19.34
C ASP A 265 -20.50 -16.21 19.60
N GLN A 266 -20.17 -15.49 18.53
CA GLN A 266 -19.45 -14.22 18.64
C GLN A 266 -17.97 -14.37 19.01
N LYS A 267 -17.51 -15.60 19.13
CA LYS A 267 -16.11 -15.85 19.49
C LYS A 267 -15.22 -15.91 18.26
N PRO A 268 -13.99 -15.37 18.36
CA PRO A 268 -13.06 -15.30 17.23
C PRO A 268 -12.41 -16.64 16.95
N ILE A 269 -12.12 -16.95 15.69
CA ILE A 269 -11.37 -18.15 15.37
C ILE A 269 -10.11 -17.80 14.60
N ASP A 270 -9.16 -18.73 14.57
CA ASP A 270 -7.83 -18.45 14.03
C ASP A 270 -7.83 -18.50 12.51
N ILE A 271 -8.82 -17.86 11.90
CA ILE A 271 -8.94 -17.77 10.45
C ILE A 271 -9.09 -16.31 10.05
N TRP A 272 -8.26 -15.85 9.13
CA TRP A 272 -8.31 -14.46 8.68
C TRP A 272 -9.33 -14.27 7.56
N THR A 273 -10.04 -13.14 7.62
CA THR A 273 -10.83 -12.69 6.48
C THR A 273 -10.71 -11.16 6.35
N TRP A 274 -11.38 -10.59 5.36
CA TRP A 274 -11.16 -9.17 5.05
C TRP A 274 -12.41 -8.27 4.91
N HIS A 275 -12.24 -7.02 5.33
CA HIS A 275 -13.30 -6.03 5.43
C HIS A 275 -14.61 -6.61 5.98
N ARG B 4 -4.97 31.00 3.25
CA ARG B 4 -5.89 31.98 3.80
C ARG B 4 -5.75 33.34 3.12
N THR B 5 -4.51 33.84 3.07
CA THR B 5 -4.22 35.14 2.45
C THR B 5 -3.52 34.99 1.10
N ARG B 6 -3.89 35.85 0.16
CA ARG B 6 -3.43 35.74 -1.23
C ARG B 6 -2.17 36.55 -1.55
N ILE B 7 -1.29 35.95 -2.35
CA ILE B 7 -0.03 36.57 -2.72
C ILE B 7 0.06 36.78 -4.24
N PRO B 8 0.90 37.72 -4.69
CA PRO B 8 1.04 38.02 -6.12
C PRO B 8 1.60 36.84 -6.91
N PHE B 9 1.13 36.69 -8.15
CA PHE B 9 1.63 35.65 -9.04
C PHE B 9 2.97 36.07 -9.64
N ASN B 10 3.92 35.14 -9.67
CA ASN B 10 5.27 35.44 -10.14
C ASN B 10 5.85 34.39 -11.07
N GLY B 11 4.97 33.67 -11.77
CA GLY B 11 5.41 32.63 -12.68
C GLY B 11 4.83 32.76 -14.07
N VAL B 12 4.94 33.96 -14.65
CA VAL B 12 4.47 34.17 -16.01
C VAL B 12 5.27 33.31 -16.97
N GLY B 13 4.62 32.83 -18.02
CA GLY B 13 5.28 31.98 -19.00
C GLY B 13 5.21 30.50 -18.64
N THR B 14 4.91 30.21 -17.39
CA THR B 14 4.80 28.82 -16.93
C THR B 14 3.38 28.29 -17.14
N SER B 15 3.19 27.00 -16.89
CA SER B 15 1.93 26.33 -17.22
C SER B 15 1.00 26.16 -16.02
N VAL B 16 1.37 26.72 -14.87
CA VAL B 16 0.57 26.51 -13.68
C VAL B 16 0.41 27.75 -12.82
N LEU B 17 -0.80 27.96 -12.32
CA LEU B 17 -1.08 29.02 -11.36
C LEU B 17 -1.37 28.35 -10.01
N PRO B 18 -0.45 28.51 -9.04
CA PRO B 18 -0.62 27.92 -7.72
C PRO B 18 -1.82 28.51 -6.98
N ALA B 19 -2.33 27.80 -5.99
CA ALA B 19 -3.48 28.25 -5.22
C ALA B 19 -3.17 29.50 -4.41
N TYR B 20 -4.19 30.34 -4.20
CA TYR B 20 -4.07 31.59 -3.45
C TYR B 20 -2.96 32.49 -3.98
N GLN B 21 -2.82 32.50 -5.30
CA GLN B 21 -1.85 33.33 -5.98
C GLN B 21 -2.57 34.17 -7.02
N THR B 22 -2.38 35.49 -6.96
CA THR B 22 -3.17 36.42 -7.77
C THR B 22 -2.54 36.74 -9.13
N LEU B 23 -3.24 36.36 -10.19
CA LEU B 23 -2.85 36.68 -11.55
C LEU B 23 -3.31 38.08 -11.89
N SER B 24 -2.37 39.01 -12.07
CA SER B 24 -2.70 40.39 -12.41
C SER B 24 -2.89 40.56 -13.92
N ALA B 25 -3.35 41.73 -14.33
CA ALA B 25 -3.60 42.02 -15.73
C ALA B 25 -2.30 42.21 -16.50
N GLY B 26 -2.14 41.49 -17.61
CA GLY B 26 -0.93 41.56 -18.40
C GLY B 26 -0.10 40.29 -18.26
N GLN B 27 -0.21 39.65 -17.10
CA GLN B 27 0.47 38.39 -16.88
C GLN B 27 -0.28 37.27 -17.59
N TYR B 28 0.32 36.08 -17.64
CA TYR B 28 -0.27 34.97 -18.38
C TYR B 28 0.44 33.64 -18.12
N LEU B 29 -0.23 32.56 -18.47
CA LEU B 29 0.35 31.22 -18.46
C LEU B 29 0.66 30.79 -19.89
N LEU B 30 1.61 29.88 -20.05
CA LEU B 30 1.87 29.25 -21.34
C LEU B 30 1.88 27.75 -21.19
N SER B 31 1.22 27.05 -22.10
CA SER B 31 1.30 25.60 -22.12
C SER B 31 2.76 25.21 -22.27
N PRO B 32 3.12 24.00 -21.83
CA PRO B 32 4.51 23.56 -21.92
C PRO B 32 5.05 23.55 -23.36
N ASN B 33 4.21 23.25 -24.33
CA ASN B 33 4.64 23.23 -25.73
C ASN B 33 4.63 24.62 -26.36
N GLN B 34 4.24 25.62 -25.57
CA GLN B 34 4.29 27.03 -25.98
C GLN B 34 3.21 27.44 -26.99
N ARG B 35 2.31 26.52 -27.32
CA ARG B 35 1.28 26.82 -28.32
C ARG B 35 0.15 27.69 -27.76
N PHE B 36 -0.27 27.40 -26.53
CA PHE B 36 -1.40 28.13 -25.94
C PHE B 36 -0.97 29.14 -24.88
N LYS B 37 -1.67 30.27 -24.85
CA LYS B 37 -1.43 31.31 -23.85
C LYS B 37 -2.72 31.63 -23.12
N LEU B 38 -2.66 31.66 -21.79
CA LEU B 38 -3.80 32.09 -20.99
C LEU B 38 -3.51 33.50 -20.52
N LEU B 39 -4.24 34.48 -21.07
CA LEU B 39 -3.90 35.89 -20.86
C LEU B 39 -5.02 36.68 -20.18
N LEU B 40 -4.63 37.53 -19.23
CA LEU B 40 -5.57 38.48 -18.61
C LEU B 40 -5.38 39.87 -19.20
N GLN B 41 -6.24 40.24 -20.14
CA GLN B 41 -6.11 41.51 -20.86
C GLN B 41 -6.57 42.70 -20.05
N GLY B 42 -6.29 43.89 -20.56
CA GLY B 42 -6.63 45.13 -19.86
C GLY B 42 -8.12 45.39 -19.81
N ASP B 43 -8.82 45.03 -20.86
CA ASP B 43 -10.26 45.26 -20.94
C ASP B 43 -11.05 44.39 -19.96
N GLY B 44 -10.33 43.58 -19.18
CA GLY B 44 -10.94 42.74 -18.17
C GLY B 44 -11.37 41.38 -18.68
N ASN B 45 -10.89 41.02 -19.86
CA ASN B 45 -11.20 39.70 -20.44
C ASN B 45 -10.10 38.68 -20.20
N LEU B 46 -10.50 37.50 -19.75
CA LEU B 46 -9.56 36.38 -19.60
C LEU B 46 -9.63 35.52 -20.86
N VAL B 47 -8.52 35.50 -21.61
CA VAL B 47 -8.51 34.90 -22.94
C VAL B 47 -7.49 33.76 -23.08
N ILE B 48 -7.83 32.78 -23.90
CA ILE B 48 -6.87 31.73 -24.28
C ILE B 48 -6.54 31.87 -25.76
N GLN B 49 -5.25 31.95 -26.07
CA GLN B 49 -4.81 32.15 -27.45
C GLN B 49 -4.06 30.95 -28.00
N ASP B 50 -4.49 30.50 -29.17
CA ASP B 50 -3.78 29.46 -29.92
C ASP B 50 -2.90 30.15 -30.95
N ASN B 51 -1.59 30.16 -30.70
CA ASN B 51 -0.66 30.85 -31.59
C ASN B 51 -1.06 32.29 -31.82
N GLY B 52 -1.37 33.00 -30.73
CA GLY B 52 -1.71 34.41 -30.81
C GLY B 52 -3.16 34.69 -31.21
N ALA B 53 -3.88 33.63 -31.57
CA ALA B 53 -5.27 33.77 -31.98
C ALA B 53 -6.23 33.39 -30.85
N THR B 54 -7.04 34.35 -30.41
CA THR B 54 -7.99 34.11 -29.33
C THR B 54 -9.03 33.07 -29.71
N VAL B 55 -9.08 31.96 -28.96
CA VAL B 55 -10.00 30.87 -29.27
C VAL B 55 -10.96 30.59 -28.11
N TRP B 56 -10.85 31.37 -27.04
CA TRP B 56 -11.70 31.19 -25.87
C TRP B 56 -11.72 32.43 -24.98
N VAL B 57 -12.91 32.80 -24.52
CA VAL B 57 -13.06 33.93 -23.61
C VAL B 57 -13.89 33.55 -22.39
N ALA B 58 -13.45 33.99 -21.23
CA ALA B 58 -14.17 33.71 -19.99
C ALA B 58 -15.44 34.54 -19.90
N ASN B 59 -16.59 33.88 -20.12
CA ASN B 59 -17.88 34.55 -20.11
C ASN B 59 -19.02 33.63 -19.67
N GLU B 60 -20.25 34.15 -19.74
CA GLU B 60 -21.42 33.40 -19.32
C GLU B 60 -21.69 32.19 -20.21
N GLN B 61 -21.04 32.14 -21.36
CA GLN B 61 -21.26 31.07 -22.34
C GLN B 61 -20.46 29.80 -22.01
N GLN B 62 -19.47 29.94 -21.13
CA GLN B 62 -18.69 28.79 -20.68
C GLN B 62 -19.53 27.90 -19.76
N PRO B 63 -19.72 26.63 -20.14
CA PRO B 63 -20.49 25.71 -19.30
C PRO B 63 -19.81 25.48 -17.96
N PHE B 64 -20.60 25.22 -16.92
CA PHE B 64 -20.08 24.95 -15.58
C PHE B 64 -19.27 26.12 -15.04
N SER B 65 -19.72 27.32 -15.37
CA SER B 65 -19.16 28.54 -14.82
C SER B 65 -20.31 29.42 -14.37
N SER B 66 -20.02 30.40 -13.53
CA SER B 66 -21.06 31.31 -13.06
C SER B 66 -20.59 32.75 -13.12
N THR B 67 -21.54 33.66 -13.29
CA THR B 67 -21.23 35.08 -13.29
C THR B 67 -22.17 35.81 -12.33
N ILE B 68 -21.62 36.22 -11.20
CA ILE B 68 -22.40 36.95 -10.21
C ILE B 68 -21.86 38.36 -10.07
N PRO B 69 -22.64 39.27 -9.45
CA PRO B 69 -22.19 40.65 -9.24
C PRO B 69 -20.99 40.74 -8.32
N LYS B 73 -16.87 46.48 -5.22
CA LYS B 73 -16.74 47.74 -5.94
C LYS B 73 -15.28 48.17 -6.01
N LYS B 74 -14.59 48.10 -4.89
CA LYS B 74 -13.17 48.48 -4.82
C LYS B 74 -12.29 47.35 -5.33
N ALA B 75 -12.91 46.27 -5.78
CA ALA B 75 -12.18 45.09 -6.25
C ALA B 75 -11.29 45.40 -7.45
N PRO B 76 -9.99 45.10 -7.34
CA PRO B 76 -9.03 45.28 -8.42
C PRO B 76 -9.15 44.14 -9.42
N LEU B 77 -8.88 44.41 -10.69
CA LEU B 77 -8.89 43.37 -11.71
C LEU B 77 -7.91 42.27 -11.31
N ALA B 78 -8.42 41.05 -11.14
CA ALA B 78 -7.57 39.95 -10.69
C ALA B 78 -8.16 38.57 -11.03
N PHE B 79 -7.27 37.61 -11.23
CA PHE B 79 -7.67 36.22 -11.46
C PHE B 79 -6.85 35.31 -10.55
N TYR B 80 -7.53 34.49 -9.76
CA TYR B 80 -6.85 33.68 -8.76
C TYR B 80 -7.57 32.37 -8.51
N VAL B 81 -6.93 31.47 -7.75
CA VAL B 81 -7.51 30.17 -7.45
C VAL B 81 -7.61 29.93 -5.95
N GLN B 82 -8.82 29.64 -5.50
CA GLN B 82 -9.04 29.17 -4.13
C GLN B 82 -10.03 28.01 -4.22
N TYR B 83 -9.49 26.82 -4.45
CA TYR B 83 -10.26 25.69 -4.95
C TYR B 83 -10.85 26.00 -6.32
N GLY B 84 -11.82 26.91 -6.36
CA GLY B 84 -12.39 27.37 -7.61
C GLY B 84 -11.57 28.51 -8.18
N ALA B 85 -11.74 28.77 -9.47
CA ALA B 85 -11.06 29.88 -10.12
C ALA B 85 -11.98 31.11 -10.18
N PHE B 86 -11.45 32.26 -9.79
CA PHE B 86 -12.25 33.48 -9.74
C PHE B 86 -11.65 34.60 -10.57
N LEU B 87 -12.50 35.34 -11.27
CA LEU B 87 -12.09 36.54 -11.99
C LEU B 87 -12.90 37.75 -11.51
N ASP B 88 -12.22 38.66 -10.83
CA ASP B 88 -12.86 39.90 -10.39
C ASP B 88 -12.73 40.95 -11.48
N ASP B 89 -13.83 41.21 -12.18
CA ASP B 89 -13.83 42.19 -13.26
C ASP B 89 -14.80 43.33 -12.96
N TYR B 90 -14.34 44.30 -12.18
CA TYR B 90 -15.18 45.42 -11.76
C TYR B 90 -15.82 46.14 -12.95
N SER B 91 -15.12 46.21 -14.07
CA SER B 91 -15.58 46.96 -15.24
C SER B 91 -16.92 46.46 -15.76
N ARG B 92 -17.25 45.20 -15.47
CA ARG B 92 -18.51 44.62 -15.91
C ARG B 92 -19.37 44.18 -14.73
N ARG B 93 -19.11 44.79 -13.57
CA ARG B 93 -19.86 44.49 -12.35
C ARG B 93 -19.99 42.99 -12.11
N ARG B 94 -18.98 42.23 -12.54
CA ARG B 94 -19.06 40.78 -12.49
C ARG B 94 -17.88 40.13 -11.78
N VAL B 95 -18.13 38.95 -11.23
CA VAL B 95 -17.06 38.04 -10.88
C VAL B 95 -17.35 36.72 -11.58
N TRP B 96 -16.41 36.28 -12.41
CA TRP B 96 -16.55 35.02 -13.11
C TRP B 96 -15.88 33.92 -12.30
N LEU B 97 -16.63 32.87 -11.99
CA LEU B 97 -16.08 31.76 -11.21
C LEU B 97 -16.41 30.42 -11.85
N THR B 98 -15.61 29.42 -11.52
CA THR B 98 -15.82 28.07 -12.03
C THR B 98 -16.67 27.27 -11.06
N ASP B 99 -17.64 26.55 -11.59
CA ASP B 99 -18.45 25.65 -10.77
C ASP B 99 -17.72 24.31 -10.67
N ASN B 100 -16.79 24.24 -9.72
CA ASN B 100 -15.96 23.06 -9.53
C ASN B 100 -16.76 21.84 -9.10
N SER B 101 -16.14 20.67 -9.22
CA SER B 101 -16.69 19.45 -8.66
C SER B 101 -16.76 19.63 -7.14
N THR B 102 -17.62 18.86 -6.48
CA THR B 102 -17.79 19.00 -5.02
C THR B 102 -16.51 18.66 -4.27
N PHE B 103 -16.18 19.50 -3.28
CA PHE B 103 -15.03 19.26 -2.41
C PHE B 103 -15.22 18.00 -1.59
N THR B 104 -14.11 17.34 -1.27
CA THR B 104 -14.13 16.16 -0.40
C THR B 104 -13.36 16.44 0.88
N SER B 105 -12.60 17.53 0.87
CA SER B 105 -11.75 17.87 2.00
C SER B 105 -11.43 19.37 2.01
N ASN B 106 -11.25 19.92 3.21
CA ASN B 106 -10.89 21.33 3.34
C ASN B 106 -9.46 21.57 2.88
N ASP B 107 -8.69 20.50 2.77
CA ASP B 107 -7.29 20.60 2.38
C ASP B 107 -7.14 20.84 0.87
N GLN B 108 -8.18 20.48 0.11
CA GLN B 108 -8.17 20.68 -1.34
C GLN B 108 -8.02 22.15 -1.71
N TRP B 109 -8.21 23.03 -0.74
CA TRP B 109 -8.11 24.47 -0.97
C TRP B 109 -6.66 24.95 -1.07
N ASN B 110 -5.73 24.17 -0.55
CA ASN B 110 -4.32 24.53 -0.62
C ASN B 110 -3.55 23.76 -1.71
N ARG B 111 -4.15 22.67 -2.19
CA ARG B 111 -3.49 21.81 -3.17
C ARG B 111 -3.95 22.06 -4.60
N THR B 112 -5.10 22.70 -4.75
CA THR B 112 -5.70 22.90 -6.06
C THR B 112 -5.10 24.06 -6.84
N HIS B 113 -4.53 23.75 -8.00
CA HIS B 113 -3.97 24.78 -8.86
C HIS B 113 -4.50 24.68 -10.29
N LEU B 114 -4.26 25.73 -11.08
CA LEU B 114 -4.75 25.80 -12.46
C LEU B 114 -3.64 25.43 -13.45
N VAL B 115 -3.94 24.51 -14.35
CA VAL B 115 -2.95 24.08 -15.32
C VAL B 115 -3.41 24.40 -16.74
N LEU B 116 -2.50 24.92 -17.55
CA LEU B 116 -2.74 25.08 -18.97
C LEU B 116 -2.04 23.95 -19.71
N GLN B 117 -2.81 22.94 -20.13
CA GLN B 117 -2.26 21.75 -20.76
C GLN B 117 -1.82 21.99 -22.20
N ASP B 118 -1.09 21.02 -22.75
CA ASP B 118 -0.63 21.10 -24.13
C ASP B 118 -1.77 20.96 -25.12
N ASP B 119 -2.96 20.60 -24.65
CA ASP B 119 -4.10 20.47 -25.55
C ASP B 119 -5.03 21.69 -25.50
N GLY B 120 -4.59 22.73 -24.81
CA GLY B 120 -5.33 23.98 -24.80
C GLY B 120 -6.38 24.03 -23.70
N ASN B 121 -6.60 22.91 -23.04
CA ASN B 121 -7.53 22.86 -21.94
C ASN B 121 -6.92 23.53 -20.72
N ILE B 122 -7.72 24.25 -19.94
CA ILE B 122 -7.30 24.68 -18.62
C ILE B 122 -8.03 23.86 -17.58
N VAL B 123 -7.27 23.29 -16.65
CA VAL B 123 -7.80 22.32 -15.71
C VAL B 123 -7.42 22.67 -14.26
N LEU B 124 -8.41 22.75 -13.39
CA LEU B 124 -8.15 22.89 -11.97
C LEU B 124 -7.81 21.51 -11.41
N VAL B 125 -6.63 21.40 -10.82
CA VAL B 125 -6.14 20.10 -10.39
C VAL B 125 -5.77 20.08 -8.90
N ASP B 126 -6.44 19.22 -8.16
CA ASP B 126 -6.06 18.92 -6.78
C ASP B 126 -4.78 18.10 -6.83
N SER B 127 -3.64 18.75 -6.61
CA SER B 127 -2.35 18.14 -6.87
C SER B 127 -1.50 17.97 -5.61
N LEU B 128 -1.12 16.73 -5.33
CA LEU B 128 -0.25 16.44 -4.20
C LEU B 128 1.05 15.75 -4.63
N ALA B 129 2.17 16.45 -4.45
CA ALA B 129 3.48 15.85 -4.66
C ALA B 129 3.88 14.99 -3.46
N LEU B 130 3.59 13.69 -3.55
CA LEU B 130 3.94 12.75 -2.48
C LEU B 130 5.45 12.70 -2.29
N TRP B 131 6.19 12.71 -3.39
CA TRP B 131 7.64 12.64 -3.33
C TRP B 131 8.26 13.40 -4.51
N ASN B 132 9.19 14.29 -4.21
CA ASN B 132 9.85 15.08 -5.22
C ASN B 132 11.36 14.86 -5.17
N GLY B 133 11.86 14.00 -6.03
CA GLY B 133 13.27 13.64 -6.03
C GLY B 133 14.20 14.79 -6.39
N THR B 134 13.67 15.81 -7.04
CA THR B 134 14.49 16.90 -7.58
C THR B 134 13.89 18.28 -7.30
N PRO B 135 13.89 18.68 -6.02
CA PRO B 135 13.26 19.91 -5.53
C PRO B 135 13.78 21.17 -6.25
N ALA B 136 15.01 21.12 -6.72
CA ALA B 136 15.61 22.25 -7.42
C ALA B 136 15.05 22.43 -8.83
N ILE B 137 14.33 21.41 -9.32
CA ILE B 137 13.77 21.47 -10.66
C ILE B 137 12.25 21.62 -10.62
N PRO B 138 11.71 22.59 -11.36
CA PRO B 138 10.29 22.93 -11.32
C PRO B 138 9.40 21.79 -11.79
N LEU B 139 8.29 21.58 -11.10
CA LEU B 139 7.25 20.68 -11.57
C LEU B 139 6.52 21.35 -12.73
N VAL B 140 6.36 20.62 -13.83
CA VAL B 140 5.73 21.17 -15.02
C VAL B 140 4.60 20.24 -15.47
N PRO B 141 3.37 20.53 -15.03
CA PRO B 141 2.18 19.73 -15.35
C PRO B 141 1.68 20.01 -16.76
N GLY B 142 1.07 19.01 -17.39
CA GLY B 142 0.37 19.21 -18.65
C GLY B 142 1.22 19.18 -19.90
N ALA B 143 2.41 18.60 -19.82
CA ALA B 143 3.30 18.47 -20.98
C ALA B 143 3.20 17.07 -21.58
N ILE B 144 3.05 16.99 -22.90
CA ILE B 144 2.88 15.68 -23.54
C ILE B 144 4.18 14.88 -23.61
N ASP B 145 5.34 15.55 -23.55
CA ASP B 145 6.60 14.81 -23.58
C ASP B 145 7.02 14.24 -22.21
N SER B 146 6.23 14.52 -21.18
CA SER B 146 6.51 13.92 -19.88
C SER B 146 6.27 12.41 -19.96
N LEU B 147 7.07 11.64 -19.23
CA LEU B 147 6.87 10.20 -19.12
C LEU B 147 6.12 9.87 -17.84
N LEU B 148 5.04 9.10 -17.97
CA LEU B 148 4.28 8.63 -16.81
C LEU B 148 4.40 7.12 -16.67
N LEU B 149 4.70 6.66 -15.46
CA LEU B 149 4.67 5.24 -15.16
C LEU B 149 3.55 4.98 -14.17
N ALA B 150 2.64 4.08 -14.54
CA ALA B 150 1.52 3.73 -13.69
C ALA B 150 1.99 2.78 -12.58
N PRO B 151 1.23 2.72 -11.48
CA PRO B 151 1.58 1.78 -10.41
C PRO B 151 1.66 0.35 -10.93
N GLY B 152 2.65 -0.42 -10.48
CA GLY B 152 2.84 -1.77 -10.95
C GLY B 152 3.72 -1.84 -12.19
N SER B 153 4.63 -0.88 -12.33
CA SER B 153 5.60 -0.90 -13.42
C SER B 153 6.97 -1.35 -12.94
N GLU B 154 7.46 -2.47 -13.48
CA GLU B 154 8.83 -2.87 -13.24
C GLU B 154 9.73 -1.96 -14.04
N LEU B 155 10.86 -1.57 -13.45
CA LEU B 155 11.87 -0.83 -14.20
C LEU B 155 12.93 -1.81 -14.64
N VAL B 156 12.86 -2.24 -15.89
CA VAL B 156 13.78 -3.24 -16.40
C VAL B 156 15.20 -2.69 -16.39
N GLN B 157 16.12 -3.46 -15.80
CA GLN B 157 17.52 -3.04 -15.74
C GLN B 157 18.08 -2.78 -17.14
N GLY B 158 18.69 -1.62 -17.33
CA GLY B 158 19.33 -1.29 -18.59
C GLY B 158 18.45 -0.56 -19.59
N VAL B 159 17.14 -0.66 -19.42
CA VAL B 159 16.20 0.00 -20.33
C VAL B 159 16.16 1.51 -20.10
N VAL B 160 16.24 2.27 -21.17
CA VAL B 160 16.19 3.73 -21.06
C VAL B 160 14.76 4.24 -21.14
N TYR B 161 14.24 4.70 -20.00
CA TYR B 161 12.92 5.30 -19.94
C TYR B 161 13.10 6.79 -20.16
N GLY B 162 12.67 7.28 -21.32
CA GLY B 162 13.00 8.63 -21.71
C GLY B 162 11.83 9.59 -21.69
N ALA B 163 12.13 10.84 -21.37
CA ALA B 163 11.22 11.93 -21.59
C ALA B 163 12.08 12.99 -22.27
N GLY B 164 11.89 13.16 -23.57
CA GLY B 164 12.79 14.00 -24.35
C GLY B 164 14.22 13.50 -24.22
N ALA B 165 15.14 14.41 -23.92
CA ALA B 165 16.55 14.06 -23.73
C ALA B 165 16.84 13.51 -22.33
N SER B 166 15.88 13.66 -21.42
CA SER B 166 16.04 13.16 -20.06
C SER B 166 15.71 11.67 -19.99
N LYS B 167 16.16 11.01 -18.92
CA LYS B 167 15.96 9.58 -18.80
C LYS B 167 15.96 9.09 -17.36
N LEU B 168 15.25 7.99 -17.13
CA LEU B 168 15.30 7.27 -15.87
C LEU B 168 15.87 5.89 -16.18
N VAL B 169 16.89 5.48 -15.44
CA VAL B 169 17.54 4.20 -15.71
C VAL B 169 17.83 3.41 -14.45
N PHE B 170 17.37 2.15 -14.42
CA PHE B 170 17.87 1.18 -13.45
C PHE B 170 19.10 0.53 -14.08
N GLN B 171 20.27 0.97 -13.63
CA GLN B 171 21.54 0.63 -14.28
C GLN B 171 22.10 -0.73 -13.87
N GLY B 172 23.07 -1.23 -14.64
CA GLY B 172 23.80 -2.43 -14.28
C GLY B 172 24.54 -2.17 -12.99
N ASP B 173 24.72 -0.88 -12.71
CA ASP B 173 25.26 -0.36 -11.47
C ASP B 173 24.50 -0.88 -10.26
N GLY B 174 23.19 -1.04 -10.44
CA GLY B 174 22.29 -1.29 -9.33
C GLY B 174 21.69 0.02 -8.85
N ASN B 175 22.24 1.13 -9.34
CA ASN B 175 21.74 2.45 -9.00
C ASN B 175 20.51 2.81 -9.83
N LEU B 176 19.56 3.52 -9.22
CA LEU B 176 18.42 4.05 -9.94
C LEU B 176 18.63 5.55 -10.11
N VAL B 177 18.71 6.01 -11.35
CA VAL B 177 19.14 7.38 -11.60
C VAL B 177 18.26 8.11 -12.61
N ALA B 178 17.95 9.36 -12.32
CA ALA B 178 17.32 10.24 -13.29
C ALA B 178 18.38 11.21 -13.82
N TYR B 179 18.42 11.36 -15.15
CA TYR B 179 19.34 12.28 -15.79
C TYR B 179 18.58 13.42 -16.46
N GLY B 180 19.16 14.62 -16.47
CA GLY B 180 18.55 15.77 -17.10
C GLY B 180 18.87 15.85 -18.58
N PRO B 181 18.40 16.91 -19.24
CA PRO B 181 18.50 17.05 -20.70
C PRO B 181 19.95 17.25 -21.16
N ASN B 182 20.83 17.67 -20.26
CA ASN B 182 22.23 17.87 -20.58
C ASN B 182 23.08 16.65 -20.25
N GLY B 183 22.44 15.58 -19.78
CA GLY B 183 23.13 14.33 -19.52
C GLY B 183 23.62 14.19 -18.09
N ALA B 184 23.49 15.26 -17.31
CA ALA B 184 23.88 15.22 -15.90
C ALA B 184 22.78 14.60 -15.02
N ALA B 185 23.20 13.79 -14.06
CA ALA B 185 22.27 13.18 -13.11
C ALA B 185 21.56 14.27 -12.31
N THR B 186 20.24 14.12 -12.16
CA THR B 186 19.48 15.06 -11.33
C THR B 186 19.11 14.42 -9.99
N TRP B 187 19.01 13.11 -9.97
CA TRP B 187 18.70 12.38 -8.75
C TRP B 187 19.17 10.94 -8.87
N ASN B 188 19.52 10.34 -7.74
CA ASN B 188 19.79 8.90 -7.73
C ASN B 188 19.44 8.29 -6.37
N ALA B 189 19.11 7.01 -6.37
CA ALA B 189 18.70 6.32 -5.16
C ALA B 189 19.91 6.04 -4.27
N GLY B 190 21.08 6.02 -4.89
CA GLY B 190 22.31 5.76 -4.17
C GLY B 190 22.46 4.30 -3.82
N THR B 191 21.98 3.43 -4.70
CA THR B 191 21.97 2.00 -4.42
C THR B 191 23.02 1.22 -5.22
N GLN B 192 24.00 1.94 -5.76
CA GLN B 192 25.05 1.31 -6.54
C GLN B 192 25.92 0.41 -5.66
N GLY B 193 26.30 -0.74 -6.20
CA GLY B 193 27.18 -1.66 -5.50
C GLY B 193 26.59 -2.26 -4.23
N LYS B 194 25.28 -2.16 -4.07
CA LYS B 194 24.60 -2.74 -2.90
C LYS B 194 23.80 -3.98 -3.27
N GLY B 195 24.05 -4.52 -4.45
CA GLY B 195 23.43 -5.76 -4.87
C GLY B 195 21.95 -5.62 -5.21
N ALA B 196 21.56 -4.47 -5.74
CA ALA B 196 20.19 -4.28 -6.20
C ALA B 196 19.86 -5.30 -7.29
N VAL B 197 18.68 -5.91 -7.20
CA VAL B 197 18.28 -6.87 -8.22
C VAL B 197 16.96 -6.50 -8.88
N ARG B 198 16.27 -5.52 -8.30
CA ARG B 198 14.94 -5.19 -8.78
C ARG B 198 14.50 -3.78 -8.39
N ALA B 199 13.92 -3.07 -9.36
CA ALA B 199 13.40 -1.73 -9.11
C ALA B 199 11.98 -1.68 -9.66
N VAL B 200 11.05 -1.20 -8.84
CA VAL B 200 9.65 -1.24 -9.25
C VAL B 200 8.87 -0.09 -8.64
N PHE B 201 7.98 0.49 -9.46
CA PHE B 201 6.97 1.40 -8.97
C PHE B 201 5.73 0.55 -8.70
N GLN B 202 5.51 0.20 -7.44
CA GLN B 202 4.54 -0.82 -7.05
C GLN B 202 3.07 -0.38 -7.17
N GLY B 203 2.19 -1.37 -7.12
CA GLY B 203 0.75 -1.12 -7.19
C GLY B 203 0.24 -0.27 -6.04
N ASP B 204 1.02 -0.18 -4.96
CA ASP B 204 0.62 0.61 -3.81
C ASP B 204 1.18 2.05 -3.86
N GLY B 205 1.89 2.38 -4.93
CA GLY B 205 2.37 3.73 -5.12
C GLY B 205 3.77 3.98 -4.59
N ASN B 206 4.39 2.93 -4.05
CA ASN B 206 5.74 3.03 -3.52
C ASN B 206 6.77 2.71 -4.60
N LEU B 207 7.78 3.57 -4.73
CA LEU B 207 8.90 3.28 -5.61
C LEU B 207 9.98 2.64 -4.75
N VAL B 208 10.38 1.42 -5.11
CA VAL B 208 11.26 0.64 -4.27
C VAL B 208 12.41 0.02 -5.06
N VAL B 209 13.59 -0.03 -4.45
CA VAL B 209 14.70 -0.80 -4.99
C VAL B 209 15.00 -1.96 -4.05
N TYR B 210 14.88 -3.18 -4.58
CA TYR B 210 15.10 -4.39 -3.78
C TYR B 210 16.48 -4.97 -4.02
N GLY B 211 17.11 -5.46 -2.96
CA GLY B 211 18.40 -6.13 -3.07
C GLY B 211 18.27 -7.61 -2.77
N ALA B 212 19.39 -8.24 -2.40
CA ALA B 212 19.39 -9.65 -2.06
C ALA B 212 18.43 -9.93 -0.91
N GLY B 213 17.85 -11.13 -0.91
CA GLY B 213 16.93 -11.54 0.13
C GLY B 213 15.72 -10.62 0.20
N ASN B 214 15.41 -9.99 -0.92
CA ASN B 214 14.28 -9.06 -1.02
C ASN B 214 14.35 -7.91 -0.02
N ALA B 215 15.56 -7.56 0.41
CA ALA B 215 15.75 -6.46 1.33
C ALA B 215 15.51 -5.14 0.62
N VAL B 216 14.83 -4.20 1.30
CA VAL B 216 14.64 -2.87 0.75
C VAL B 216 15.91 -2.05 0.88
N LEU B 217 16.49 -1.66 -0.26
CA LEU B 217 17.69 -0.85 -0.28
C LEU B 217 17.33 0.63 -0.22
N TRP B 218 16.19 0.97 -0.84
CA TRP B 218 15.71 2.34 -0.87
C TRP B 218 14.24 2.34 -1.24
N HIS B 219 13.50 3.31 -0.73
CA HIS B 219 12.13 3.52 -1.21
C HIS B 219 11.67 4.95 -0.98
N SER B 220 10.66 5.36 -1.73
CA SER B 220 10.19 6.73 -1.71
C SER B 220 9.26 7.02 -0.54
N HIS B 221 8.92 5.97 0.22
CA HIS B 221 8.02 6.11 1.36
C HIS B 221 6.66 6.63 0.94
N THR B 222 6.17 6.20 -0.21
CA THR B 222 4.90 6.68 -0.72
C THR B 222 3.88 5.55 -0.89
N GLY B 223 4.10 4.45 -0.17
CA GLY B 223 3.17 3.33 -0.23
C GLY B 223 1.82 3.73 0.34
N GLY B 224 0.76 3.17 -0.21
CA GLY B 224 -0.59 3.47 0.27
C GLY B 224 -1.37 4.37 -0.68
N HIS B 225 -0.75 4.76 -1.78
CA HIS B 225 -1.39 5.64 -2.75
C HIS B 225 -1.49 4.97 -4.12
N ALA B 226 -2.50 4.13 -4.26
CA ALA B 226 -2.69 3.33 -5.47
C ALA B 226 -3.04 4.16 -6.70
N SER B 227 -3.38 5.42 -6.49
CA SER B 227 -3.77 6.31 -7.57
C SER B 227 -2.63 7.26 -7.98
N ALA B 228 -1.46 7.09 -7.39
CA ALA B 228 -0.31 7.92 -7.71
C ALA B 228 0.27 7.55 -9.07
N VAL B 229 1.02 8.48 -9.67
CA VAL B 229 1.82 8.19 -10.85
C VAL B 229 3.25 8.63 -10.62
N LEU B 230 4.19 7.94 -11.28
CA LEU B 230 5.58 8.33 -11.28
C LEU B 230 5.84 9.13 -12.57
N ARG B 231 6.28 10.39 -12.43
CA ARG B 231 6.47 11.24 -13.60
C ARG B 231 7.91 11.71 -13.76
N LEU B 232 8.47 11.44 -14.94
CA LEU B 232 9.76 11.98 -15.33
C LEU B 232 9.49 13.07 -16.37
N GLN B 233 9.97 14.28 -16.11
CA GLN B 233 9.75 15.40 -17.03
C GLN B 233 10.94 15.56 -17.97
N ALA B 234 10.70 16.19 -19.12
CA ALA B 234 11.74 16.41 -20.10
C ALA B 234 12.86 17.28 -19.53
N ASN B 235 12.55 18.05 -18.48
CA ASN B 235 13.54 18.92 -17.87
C ASN B 235 14.32 18.24 -16.75
N GLY B 236 14.07 16.95 -16.56
CA GLY B 236 14.84 16.17 -15.60
C GLY B 236 14.20 15.95 -14.23
N SER B 237 13.03 16.54 -14.03
CA SER B 237 12.30 16.38 -12.77
C SER B 237 11.75 14.96 -12.64
N ILE B 238 11.91 14.37 -11.47
CA ILE B 238 11.28 13.10 -11.18
C ILE B 238 10.48 13.21 -9.88
N ALA B 239 9.23 12.76 -9.93
CA ALA B 239 8.35 12.91 -8.78
C ALA B 239 7.17 11.94 -8.82
N ILE B 240 6.60 11.69 -7.65
CA ILE B 240 5.43 10.85 -7.55
C ILE B 240 4.26 11.72 -7.10
N LEU B 241 3.17 11.67 -7.85
CA LEU B 241 2.08 12.62 -7.63
C LEU B 241 0.75 11.92 -7.46
N ASP B 242 -0.06 12.45 -6.54
CA ASP B 242 -1.44 12.03 -6.41
C ASP B 242 -2.29 13.23 -6.83
N GLU B 243 -3.04 13.07 -7.91
CA GLU B 243 -3.70 14.22 -8.54
C GLU B 243 -5.10 13.90 -9.04
N LYS B 244 -5.97 14.89 -8.92
CA LYS B 244 -7.35 14.77 -9.38
C LYS B 244 -7.82 16.12 -9.91
N PRO B 245 -8.37 16.14 -11.12
CA PRO B 245 -8.93 17.38 -11.66
C PRO B 245 -10.30 17.67 -11.04
N VAL B 246 -10.65 18.94 -10.90
CA VAL B 246 -11.93 19.31 -10.32
C VAL B 246 -12.70 20.28 -11.21
N TRP B 247 -12.09 20.67 -12.33
CA TRP B 247 -12.76 21.50 -13.34
C TRP B 247 -11.92 21.66 -14.60
N ALA B 248 -12.59 21.88 -15.73
CA ALA B 248 -11.90 22.18 -17.00
C ALA B 248 -12.85 22.87 -17.98
N ARG B 249 -12.28 23.65 -18.90
CA ARG B 249 -13.08 24.44 -19.85
C ARG B 249 -13.80 23.58 -20.87
N PHE B 250 -13.20 22.45 -21.22
CA PHE B 250 -13.88 21.47 -22.05
C PHE B 250 -13.58 20.05 -21.57
N GLY B 251 -14.38 19.10 -22.02
CA GLY B 251 -14.23 17.71 -21.63
C GLY B 251 -14.85 17.45 -20.27
N PHE B 252 -14.55 18.32 -19.31
CA PHE B 252 -15.03 18.16 -17.95
C PHE B 252 -16.55 18.23 -17.84
N GLN B 253 -17.13 17.25 -17.15
CA GLN B 253 -18.51 17.31 -16.69
C GLN B 253 -18.57 16.76 -15.27
N PRO B 254 -19.32 17.44 -14.39
CA PRO B 254 -19.35 17.16 -12.95
C PRO B 254 -19.60 15.69 -12.60
N THR B 255 -20.27 14.97 -13.48
CA THR B 255 -20.60 13.56 -13.23
C THR B 255 -19.59 12.61 -13.84
N TYR B 256 -18.92 13.07 -14.89
CA TYR B 256 -17.99 12.24 -15.65
C TYR B 256 -16.79 11.78 -14.81
N ARG B 257 -16.28 10.60 -15.15
CA ARG B 257 -15.08 10.09 -14.52
C ARG B 257 -13.83 10.63 -15.22
N HIS B 258 -12.85 11.08 -14.44
CA HIS B 258 -11.62 11.58 -15.02
C HIS B 258 -10.61 10.46 -15.26
N ILE B 259 -9.82 10.61 -16.30
CA ILE B 259 -8.81 9.62 -16.65
C ILE B 259 -7.75 10.30 -17.48
N ARG B 260 -6.49 9.86 -17.34
CA ARG B 260 -5.41 10.39 -18.17
C ARG B 260 -5.48 9.79 -19.57
N LYS B 261 -5.32 10.64 -20.58
CA LYS B 261 -5.28 10.17 -21.96
C LYS B 261 -4.17 9.14 -22.09
N ILE B 262 -4.35 8.18 -22.98
CA ILE B 262 -3.24 7.33 -23.36
C ILE B 262 -2.89 7.58 -24.82
N ASN B 263 -1.64 7.34 -25.18
CA ASN B 263 -1.18 7.49 -26.55
C ASN B 263 -1.27 6.15 -27.29
N PRO B 264 -0.75 6.07 -28.52
CA PRO B 264 -0.69 4.77 -29.19
C PRO B 264 -0.23 3.66 -28.26
N ASP B 265 0.88 3.87 -27.56
CA ASP B 265 1.36 2.91 -26.57
C ASP B 265 0.33 2.80 -25.43
N GLN B 266 0.42 1.73 -24.66
CA GLN B 266 -0.48 1.53 -23.52
C GLN B 266 -0.16 2.51 -22.40
N LYS B 267 0.78 3.43 -22.68
CA LYS B 267 1.24 4.39 -21.68
C LYS B 267 0.42 5.68 -21.66
N PRO B 268 0.06 6.14 -20.45
CA PRO B 268 -0.71 7.38 -20.23
C PRO B 268 0.16 8.62 -20.37
N ILE B 269 -0.46 9.75 -20.70
CA ILE B 269 0.26 11.01 -20.78
C ILE B 269 -0.37 12.02 -19.84
N ASP B 270 0.37 13.08 -19.53
CA ASP B 270 0.01 14.03 -18.49
C ASP B 270 -1.08 15.00 -18.96
N ILE B 271 -2.13 14.45 -19.57
CA ILE B 271 -3.23 15.23 -20.08
C ILE B 271 -4.53 14.62 -19.58
N TRP B 272 -5.34 15.43 -18.90
CA TRP B 272 -6.61 14.94 -18.36
C TRP B 272 -7.71 14.89 -19.42
N THR B 273 -8.52 13.86 -19.34
CA THR B 273 -9.76 13.77 -20.12
C THR B 273 -10.85 13.12 -19.26
N TRP B 274 -12.07 13.06 -19.78
CA TRP B 274 -13.20 12.59 -18.98
C TRP B 274 -14.04 11.48 -19.62
N HIS B 275 -14.68 10.69 -18.76
CA HIS B 275 -15.52 9.56 -19.15
C HIS B 275 -15.27 9.07 -20.56
C1 MMA C . -0.79 -28.30 40.92
C2 MMA C . -2.37 -28.19 40.91
C3 MMA C . -2.93 -29.14 39.79
C4 MMA C . -2.25 -28.86 38.44
C5 MMA C . -0.73 -28.80 38.56
C6 MMA C . 0.02 -28.59 37.21
C7 MMA C . 0.90 -29.56 42.25
O1 MMA C . -0.24 -29.55 41.38
O2 MMA C . -2.86 -26.86 40.83
O3 MMA C . -4.33 -29.19 39.71
O4 MMA C . -2.70 -29.72 37.40
O5 MMA C . -0.35 -27.89 39.59
O6 MMA C . 1.38 -28.24 37.30
C1 MMA D . 27.35 7.14 -9.07
C2 MMA D . 27.03 6.05 -10.16
C3 MMA D . 26.71 6.79 -11.50
C4 MMA D . 25.51 7.76 -11.25
C5 MMA D . 25.82 8.69 -10.09
C6 MMA D . 24.81 9.86 -9.89
C7 MMA D . 29.31 8.43 -8.21
O1 MMA D . 28.54 7.92 -9.30
O2 MMA D . 26.01 5.16 -9.76
O3 MMA D . 26.55 5.96 -12.62
O4 MMA D . 25.06 8.40 -12.41
O5 MMA D . 26.13 7.94 -8.92
O6 MMA D . 25.00 10.71 -8.77
#